data_6C2N
#
_entry.id   6C2N
#
_cell.length_a   59.964
_cell.length_b   55.355
_cell.length_c   58.891
_cell.angle_alpha   90.00
_cell.angle_beta   90.00
_cell.angle_gamma   90.00
#
_symmetry.space_group_name_H-M   'P 21 21 21'
#
loop_
_entity.id
_entity.type
_entity.pdbx_description
1 polymer 'NS4A COFACTOR-NS3 PROTEIN CHIMERA'
2 non-polymer 'ZINC ION'
3 non-polymer 'SULFATE ION'
4 non-polymer '(2R,6S,12Z,13aS,14aR,16aS)-6-[(tert-butoxycarbonyl)amino]-14a-[(cyclopropylsulfonyl)carbamoyl]-5,16-dioxo-1,2,3,5,6,7,8 ,9,10,11,13a,14,14a,15,16,16a-hexadecahydrocyclopropa[e]pyrrolo[1,2-a][1,4]diazacyclopentadecin-2-yl 4-fluoro-2H-isoindole-2-carboxylate'
5 water water
#
_entity_poly.entity_id   1
_entity_poly.type   'polypeptide(L)'
_entity_poly.pdbx_seq_one_letter_code
;GSHMASMKKKGSVVIVGRINLSGDTAYAQQTRGEEGCQETSQTGRDKNQVEGEVQIVSTATQTFLATSINGVLWTVHHGA
GTRTIASPKGPVTQMYTNVDKDLVGWQAPQGSRSLTPCTCGSSDLYLVTRHADVIPVRRRGDSRGSLLSPRPISYLKGSS
GGPLLCPAGHAVGIFRAAVSTRGVAKAVAFIPVESLETTMRSP
;
_entity_poly.pdbx_strand_id   A
#
loop_
_chem_comp.id
_chem_comp.type
_chem_comp.name
_chem_comp.formula
SO4 non-polymer 'SULFATE ION' 'O4 S -2'
TSV non-polymer '(2R,6S,12Z,13aS,14aR,16aS)-6-[(tert-butoxycarbonyl)amino]-14a-[(cyclopropylsulfonyl)carbamoyl]-5,16-dioxo-1,2,3,5,6,7,8 ,9,10,11,13a,14,14a,15,16,16a-hexadecahydrocyclopropa[e]pyrrolo[1,2-a][1,4]diazacyclopentadecin-2-yl 4-fluoro-2H-isoindole-2-carboxylate' 'C35 H44 F N5 O9 S'
ZN non-polymer 'ZINC ION' 'Zn 2'
#
# COMPACT_ATOMS: atom_id res chain seq x y z
N HIS A 3 10.28 -3.56 -32.92
CA HIS A 3 11.66 -4.00 -33.09
C HIS A 3 12.50 -3.56 -31.90
N MET A 4 13.74 -4.05 -31.81
CA MET A 4 14.50 -3.91 -30.58
C MET A 4 14.76 -2.45 -30.23
N ALA A 5 15.07 -1.63 -31.22
CA ALA A 5 15.52 -0.27 -30.94
C ALA A 5 14.40 0.62 -30.39
N SER A 6 13.15 0.26 -30.65
CA SER A 6 12.01 1.09 -30.27
C SER A 6 11.29 0.57 -29.04
N MET A 7 11.82 -0.48 -28.41
CA MET A 7 11.13 -1.06 -27.27
C MET A 7 11.08 -0.05 -26.14
N LYS A 8 9.88 0.11 -25.59
CA LYS A 8 9.66 0.99 -24.46
C LYS A 8 9.94 0.26 -23.15
N LYS A 9 10.07 1.03 -22.08
CA LYS A 9 10.20 0.49 -20.74
C LYS A 9 9.03 0.99 -19.90
N LYS A 10 8.56 0.16 -18.96
CA LYS A 10 7.52 0.61 -18.06
C LYS A 10 8.08 1.66 -17.11
N GLY A 11 7.23 2.56 -16.70
CA GLY A 11 7.65 3.63 -15.83
C GLY A 11 7.82 3.13 -14.40
N SER A 12 8.24 4.04 -13.54
CA SER A 12 8.34 3.74 -12.12
C SER A 12 7.01 3.99 -11.43
N VAL A 13 6.81 3.30 -10.31
CA VAL A 13 5.81 3.69 -9.33
C VAL A 13 6.23 5.03 -8.74
N VAL A 14 5.26 5.93 -8.53
CA VAL A 14 5.51 7.27 -8.01
C VAL A 14 4.66 7.51 -6.78
N ILE A 15 5.28 8.01 -5.71
CA ILE A 15 4.53 8.50 -4.54
C ILE A 15 3.84 9.79 -4.92
N VAL A 16 2.51 9.82 -4.79
CA VAL A 16 1.76 11.02 -5.14
C VAL A 16 1.04 11.62 -3.95
N GLY A 17 1.12 11.01 -2.79
CA GLY A 17 0.50 11.57 -1.61
C GLY A 17 0.69 10.61 -0.46
N ARG A 18 -0.07 10.83 0.59
CA ARG A 18 0.08 10.00 1.78
C ARG A 18 -1.22 10.06 2.58
N ILE A 19 -1.40 9.07 3.44
CA ILE A 19 -2.52 9.06 4.36
C ILE A 19 -1.98 9.53 5.68
N ASN A 20 -2.45 10.70 6.13
CA ASN A 20 -1.97 11.29 7.37
C ASN A 20 -2.70 10.68 8.55
N LEU A 21 -1.94 9.99 9.42
CA LEU A 21 -2.46 9.35 10.61
C LEU A 21 -1.83 9.92 11.88
N SER A 22 -1.10 11.01 11.79
CA SER A 22 -0.30 11.48 12.91
C SER A 22 -1.17 12.05 14.02
N GLY A 23 -2.13 12.89 13.65
CA GLY A 23 -2.91 13.62 14.63
C GLY A 23 -4.06 12.80 15.18
N ASP A 24 -5.15 13.50 15.49
CA ASP A 24 -6.40 12.86 15.86
C ASP A 24 -7.40 12.81 14.70
N THR A 25 -6.99 13.25 13.51
CA THR A 25 -7.84 13.22 12.33
C THR A 25 -7.04 12.61 11.19
N ALA A 26 -7.62 11.61 10.53
CA ALA A 26 -6.95 10.96 9.41
C ALA A 26 -7.41 11.60 8.12
N TYR A 27 -6.47 11.89 7.23
CA TYR A 27 -6.89 12.52 5.99
C TYR A 27 -5.86 12.24 4.91
N ALA A 28 -6.35 12.15 3.68
CA ALA A 28 -5.49 11.94 2.53
C ALA A 28 -4.89 13.28 2.10
N GLN A 29 -3.61 13.27 1.79
CA GLN A 29 -2.88 14.45 1.31
C GLN A 29 -2.23 14.11 -0.02
N GLN A 30 -2.44 14.96 -1.01
CA GLN A 30 -1.76 14.83 -2.28
C GLN A 30 -0.49 15.68 -2.24
N THR A 31 0.60 15.10 -2.71
CA THR A 31 1.86 15.84 -2.78
C THR A 31 2.36 16.05 -4.20
N ARG A 32 1.75 15.42 -5.19
CA ARG A 32 2.12 15.61 -6.58
C ARG A 32 0.89 15.41 -7.45
N GLY A 33 0.72 16.32 -8.44
CA GLY A 33 -0.37 16.22 -9.40
C GLY A 33 -0.04 15.34 -10.61
N GLU A 34 -1.06 15.16 -11.46
CA GLU A 34 -0.99 14.13 -12.50
C GLU A 34 0.15 14.38 -13.48
N GLU A 35 0.33 15.62 -13.93
CA GLU A 35 1.40 15.90 -14.89
C GLU A 35 2.76 15.61 -14.28
N GLY A 36 2.97 16.05 -13.04
CA GLY A 36 4.22 15.74 -12.36
C GLY A 36 4.38 14.26 -12.09
N CYS A 37 3.30 13.56 -11.80
CA CYS A 37 3.38 12.11 -11.64
C CYS A 37 3.84 11.45 -12.95
N GLN A 38 3.23 11.84 -14.07
CA GLN A 38 3.62 11.28 -15.36
C GLN A 38 5.11 11.47 -15.63
N GLU A 39 5.62 12.70 -15.44
CA GLU A 39 7.02 12.98 -15.70
C GLU A 39 7.94 12.18 -14.78
N THR A 40 7.60 12.10 -13.49
CA THR A 40 8.42 11.38 -12.52
C THR A 40 8.42 9.88 -12.77
N SER A 41 7.31 9.33 -13.27
CA SER A 41 7.29 7.92 -13.63
C SER A 41 8.29 7.62 -14.75
N GLN A 42 8.37 8.51 -15.74
CA GLN A 42 9.29 8.32 -16.85
C GLN A 42 10.74 8.44 -16.42
N THR A 43 11.08 9.48 -15.67
CA THR A 43 12.48 9.65 -15.25
C THR A 43 12.87 8.76 -14.09
N GLY A 44 11.93 8.41 -13.22
CA GLY A 44 12.28 7.72 -11.99
C GLY A 44 12.94 8.58 -10.95
N ARG A 45 12.99 9.89 -11.17
CA ARG A 45 13.64 10.79 -10.23
C ARG A 45 12.58 11.60 -9.50
N ASP A 46 12.50 11.40 -8.19
CA ASP A 46 11.49 12.05 -7.36
C ASP A 46 12.22 12.74 -6.22
N LYS A 47 12.26 14.07 -6.24
CA LYS A 47 12.90 14.83 -5.18
C LYS A 47 11.94 15.26 -4.08
N ASN A 48 10.66 14.90 -4.14
CA ASN A 48 9.72 15.36 -3.14
C ASN A 48 10.00 14.74 -1.78
N GLN A 49 9.70 15.49 -0.72
CA GLN A 49 9.84 14.96 0.63
C GLN A 49 8.74 13.94 0.89
N VAL A 50 9.13 12.85 1.54
CA VAL A 50 8.22 11.77 1.92
C VAL A 50 8.03 11.82 3.42
N GLU A 51 6.80 11.62 3.86
CA GLU A 51 6.51 11.55 5.28
C GLU A 51 5.49 10.44 5.51
N GLY A 52 5.51 9.87 6.71
CA GLY A 52 4.41 9.03 7.14
C GLY A 52 4.59 7.59 6.74
N GLU A 53 3.59 6.80 7.17
CA GLU A 53 3.61 5.33 7.07
C GLU A 53 2.90 4.80 5.83
N VAL A 54 1.85 5.48 5.37
CA VAL A 54 1.04 4.99 4.25
C VAL A 54 1.18 6.01 3.14
N GLN A 55 1.71 5.56 2.01
CA GLN A 55 1.83 6.39 0.83
C GLN A 55 0.72 6.07 -0.15
N ILE A 56 0.31 7.09 -0.89
CA ILE A 56 -0.54 6.93 -2.07
C ILE A 56 0.39 6.89 -3.28
N VAL A 57 0.29 5.82 -4.08
CA VAL A 57 1.22 5.61 -5.18
C VAL A 57 0.47 5.42 -6.48
N SER A 58 1.15 5.74 -7.56
CA SER A 58 0.55 5.64 -8.88
C SER A 58 1.55 5.14 -9.90
N THR A 59 1.02 4.49 -10.92
CA THR A 59 1.69 4.28 -12.18
C THR A 59 0.98 5.14 -13.23
N ALA A 60 1.31 4.88 -14.50
CA ALA A 60 0.62 5.62 -15.56
C ALA A 60 -0.85 5.24 -15.65
N THR A 61 -1.21 4.06 -15.17
CA THR A 61 -2.51 3.49 -15.39
C THR A 61 -3.29 3.14 -14.13
N GLN A 62 -2.65 3.11 -12.95
CA GLN A 62 -3.32 2.71 -11.73
C GLN A 62 -2.86 3.58 -10.55
N THR A 63 -3.71 3.64 -9.52
CA THR A 63 -3.34 4.27 -8.26
C THR A 63 -3.80 3.39 -7.12
N PHE A 64 -2.96 3.28 -6.10
CA PHE A 64 -3.18 2.39 -4.96
C PHE A 64 -2.35 2.89 -3.77
N LEU A 65 -2.15 2.04 -2.78
CA LEU A 65 -1.45 2.42 -1.55
C LEU A 65 -0.19 1.59 -1.37
N ALA A 66 0.70 2.09 -0.52
CA ALA A 66 1.89 1.37 -0.10
C ALA A 66 2.17 1.70 1.35
N THR A 67 2.66 0.73 2.11
CA THR A 67 2.76 0.82 3.57
C THR A 67 4.16 0.45 4.03
N SER A 68 4.78 1.30 4.85
CA SER A 68 6.11 1.02 5.37
CA SER A 68 6.12 1.02 5.37
C SER A 68 6.01 0.20 6.65
N ILE A 69 6.69 -0.95 6.66
CA ILE A 69 6.73 -1.84 7.82
C ILE A 69 8.17 -2.32 7.92
N ASN A 70 8.80 -2.11 9.08
CA ASN A 70 10.19 -2.50 9.35
C ASN A 70 11.15 -2.06 8.23
N GLY A 71 11.03 -0.80 7.82
CA GLY A 71 12.01 -0.21 6.92
C GLY A 71 11.86 -0.61 5.47
N VAL A 72 10.75 -1.25 5.10
CA VAL A 72 10.43 -1.63 3.74
C VAL A 72 9.09 -1.01 3.38
N LEU A 73 9.00 -0.40 2.20
CA LEU A 73 7.75 0.08 1.66
C LEU A 73 7.14 -1.05 0.84
N TRP A 74 6.02 -1.59 1.33
CA TRP A 74 5.35 -2.76 0.77
C TRP A 74 4.12 -2.34 -0.05
N THR A 75 3.85 -3.09 -1.12
CA THR A 75 2.56 -2.93 -1.79
C THR A 75 2.20 -4.24 -2.49
N VAL A 76 1.12 -4.19 -3.26
CA VAL A 76 0.62 -5.37 -3.99
C VAL A 76 1.29 -5.48 -5.36
N HIS A 77 1.60 -6.72 -5.74
CA HIS A 77 2.13 -6.99 -7.08
C HIS A 77 1.13 -6.65 -8.17
N HIS A 78 -0.17 -6.83 -7.92
CA HIS A 78 -1.16 -6.55 -8.96
C HIS A 78 -1.28 -5.07 -9.26
N GLY A 79 -0.71 -4.21 -8.42
CA GLY A 79 -0.59 -2.80 -8.72
C GLY A 79 0.77 -2.44 -9.28
N ALA A 80 1.84 -2.92 -8.64
CA ALA A 80 3.19 -2.45 -8.98
C ALA A 80 3.91 -3.31 -10.02
N GLY A 81 3.49 -4.55 -10.21
CA GLY A 81 4.28 -5.45 -11.05
C GLY A 81 5.70 -5.54 -10.53
N THR A 82 6.68 -5.56 -11.46
CA THR A 82 8.08 -5.56 -11.12
C THR A 82 8.71 -4.18 -11.19
N ARG A 83 7.89 -3.13 -11.12
CA ARG A 83 8.39 -1.79 -11.40
C ARG A 83 9.34 -1.28 -10.32
N THR A 84 10.27 -0.46 -10.76
CA THR A 84 11.03 0.38 -9.87
C THR A 84 10.14 1.42 -9.24
N ILE A 85 10.65 2.03 -8.16
CA ILE A 85 9.99 3.18 -7.54
C ILE A 85 10.88 4.41 -7.75
N ALA A 86 10.25 5.55 -7.98
CA ALA A 86 10.99 6.79 -8.19
C ALA A 86 11.56 7.26 -6.87
N SER A 87 12.79 7.78 -6.90
CA SER A 87 13.45 8.24 -5.69
C SER A 87 14.34 9.41 -6.03
N PRO A 88 14.90 10.10 -5.02
CA PRO A 88 15.69 11.30 -5.32
C PRO A 88 16.89 11.04 -6.18
N LYS A 89 17.40 9.82 -6.18
CA LYS A 89 18.59 9.46 -6.93
C LYS A 89 18.30 8.62 -8.15
N GLY A 90 17.03 8.56 -8.56
CA GLY A 90 16.64 7.77 -9.69
C GLY A 90 15.91 6.50 -9.28
N PRO A 91 15.57 5.67 -10.25
CA PRO A 91 14.73 4.50 -9.96
C PRO A 91 15.42 3.54 -9.01
N VAL A 92 14.62 2.98 -8.09
CA VAL A 92 15.07 2.00 -7.12
C VAL A 92 14.39 0.66 -7.43
N THR A 93 15.20 -0.40 -7.59
CA THR A 93 14.71 -1.74 -7.86
C THR A 93 14.03 -2.34 -6.64
N GLN A 94 12.98 -3.12 -6.89
CA GLN A 94 12.36 -3.86 -5.81
C GLN A 94 13.40 -4.70 -5.09
N MET A 95 13.28 -4.75 -3.77
CA MET A 95 14.10 -5.61 -2.94
C MET A 95 13.41 -6.93 -2.62
N TYR A 96 12.08 -6.94 -2.76
CA TYR A 96 11.24 -8.12 -2.63
C TYR A 96 10.22 -8.14 -3.75
N THR A 97 10.05 -9.31 -4.35
CA THR A 97 9.03 -9.55 -5.37
C THR A 97 8.48 -10.95 -5.16
N ASN A 98 7.18 -11.07 -4.92
CA ASN A 98 6.58 -12.39 -4.71
C ASN A 98 5.18 -12.42 -5.30
N VAL A 99 5.07 -12.89 -6.54
CA VAL A 99 3.80 -12.92 -7.25
C VAL A 99 2.85 -13.91 -6.59
N ASP A 100 3.39 -14.93 -5.94
CA ASP A 100 2.55 -15.91 -5.28
C ASP A 100 1.81 -15.31 -4.10
N LYS A 101 2.40 -14.30 -3.47
CA LYS A 101 1.79 -13.63 -2.33
C LYS A 101 1.13 -12.32 -2.71
N ASP A 102 1.21 -11.90 -3.98
CA ASP A 102 0.76 -10.60 -4.46
C ASP A 102 1.47 -9.49 -3.70
N LEU A 103 2.78 -9.65 -3.47
CA LEU A 103 3.55 -8.76 -2.60
C LEU A 103 4.83 -8.27 -3.27
N VAL A 104 5.12 -6.98 -3.16
CA VAL A 104 6.44 -6.47 -3.52
C VAL A 104 6.87 -5.48 -2.43
N GLY A 105 8.15 -5.14 -2.45
CA GLY A 105 8.66 -4.16 -1.51
C GLY A 105 9.93 -3.51 -2.02
N TRP A 106 10.10 -2.25 -1.64
CA TRP A 106 11.30 -1.49 -1.87
C TRP A 106 11.82 -0.97 -0.53
N GLN A 107 13.11 -0.70 -0.47
CA GLN A 107 13.64 0.01 0.69
C GLN A 107 12.79 1.26 0.96
N ALA A 108 12.47 1.46 2.23
CA ALA A 108 11.57 2.56 2.60
C ALA A 108 12.24 3.90 2.31
N PRO A 109 11.52 4.85 1.71
CA PRO A 109 12.16 6.14 1.39
C PRO A 109 12.56 6.93 2.63
N GLN A 110 13.65 7.70 2.47
CA GLN A 110 14.08 8.58 3.52
C GLN A 110 12.95 9.54 3.87
N GLY A 111 12.62 9.62 5.15
CA GLY A 111 11.57 10.46 5.64
C GLY A 111 10.30 9.72 5.97
N SER A 112 10.09 8.54 5.40
CA SER A 112 8.97 7.72 5.80
C SER A 112 9.15 7.27 7.25
N ARG A 113 8.05 6.84 7.84
CA ARG A 113 8.02 6.22 9.16
C ARG A 113 7.44 4.84 8.99
N SER A 114 7.95 3.86 9.72
CA SER A 114 7.53 2.48 9.56
C SER A 114 6.59 2.05 10.67
N LEU A 115 5.61 1.23 10.32
CA LEU A 115 4.81 0.51 11.30
C LEU A 115 5.60 -0.69 11.83
N THR A 116 5.28 -1.08 13.05
CA THR A 116 5.82 -2.27 13.72
C THR A 116 4.90 -3.46 13.55
N PRO A 117 5.43 -4.64 13.19
CA PRO A 117 4.58 -5.82 13.09
C PRO A 117 3.89 -6.12 14.42
N CYS A 118 2.61 -6.45 14.33
CA CYS A 118 1.81 -6.73 15.50
C CYS A 118 2.20 -8.05 16.14
N THR A 119 2.29 -8.03 17.48
CA THR A 119 2.50 -9.24 18.27
C THR A 119 1.40 -9.42 19.31
N CYS A 120 0.27 -8.71 19.17
CA CYS A 120 -0.82 -8.67 20.14
C CYS A 120 -1.69 -9.92 20.12
N GLY A 121 -1.75 -10.62 18.99
CA GLY A 121 -2.61 -11.79 18.89
C GLY A 121 -4.09 -11.46 18.94
N SER A 122 -4.45 -10.22 18.57
CA SER A 122 -5.78 -9.62 18.70
C SER A 122 -6.54 -9.66 17.38
N SER A 123 -7.87 -9.86 17.44
CA SER A 123 -8.68 -9.96 16.23
C SER A 123 -9.57 -8.76 15.93
N ASP A 124 -9.42 -7.66 16.67
CA ASP A 124 -10.16 -6.43 16.38
C ASP A 124 -9.22 -5.51 15.60
N LEU A 125 -9.47 -5.38 14.29
CA LEU A 125 -8.56 -4.71 13.37
C LEU A 125 -9.21 -3.46 12.78
N TYR A 126 -8.38 -2.69 12.05
CA TYR A 126 -8.81 -1.47 11.38
C TYR A 126 -8.13 -1.36 10.03
N LEU A 127 -8.92 -1.18 8.97
CA LEU A 127 -8.41 -1.02 7.62
C LEU A 127 -8.38 0.47 7.28
N VAL A 128 -7.25 0.94 6.75
CA VAL A 128 -7.11 2.34 6.33
C VAL A 128 -7.22 2.42 4.80
N THR A 129 -8.20 3.19 4.30
CA THR A 129 -8.39 3.33 2.86
C THR A 129 -7.65 4.55 2.31
N ARG A 130 -7.63 4.65 0.99
CA ARG A 130 -6.98 5.75 0.29
C ARG A 130 -7.72 7.07 0.48
N HIS A 131 -8.95 7.02 0.98
CA HIS A 131 -9.67 8.23 1.36
C HIS A 131 -9.51 8.53 2.82
N ALA A 132 -8.66 7.77 3.52
CA ALA A 132 -8.37 7.94 4.92
C ALA A 132 -9.56 7.57 5.77
N ASP A 133 -10.45 6.75 5.24
CA ASP A 133 -11.43 6.09 6.10
C ASP A 133 -10.74 5.02 6.93
N VAL A 134 -11.14 4.89 8.19
CA VAL A 134 -10.61 3.87 9.08
C VAL A 134 -11.76 2.93 9.43
N ILE A 135 -11.74 1.75 8.84
CA ILE A 135 -12.88 0.82 8.82
C ILE A 135 -12.61 -0.29 9.82
N PRO A 136 -13.48 -0.52 10.80
CA PRO A 136 -13.27 -1.68 11.68
C PRO A 136 -13.49 -2.98 10.92
N VAL A 137 -12.65 -3.96 11.25
CA VAL A 137 -12.60 -5.27 10.61
C VAL A 137 -12.35 -6.30 11.70
N ARG A 138 -13.18 -7.31 11.77
CA ARG A 138 -12.95 -8.43 12.68
C ARG A 138 -12.13 -9.51 11.96
N ARG A 139 -11.01 -9.88 12.54
CA ARG A 139 -10.21 -10.92 11.91
C ARG A 139 -10.98 -12.24 11.97
N ARG A 140 -11.04 -12.94 10.83
CA ARG A 140 -11.80 -14.19 10.70
C ARG A 140 -10.93 -15.38 10.33
N GLY A 141 -9.63 -15.16 10.12
CA GLY A 141 -8.73 -16.24 9.77
C GLY A 141 -7.34 -15.67 9.59
N ASP A 142 -6.45 -16.50 9.07
CA ASP A 142 -5.09 -16.02 8.89
C ASP A 142 -5.02 -14.84 7.93
N SER A 143 -5.86 -14.81 6.89
CA SER A 143 -5.72 -13.81 5.84
CA SER A 143 -5.72 -13.82 5.84
C SER A 143 -7.05 -13.16 5.45
N ARG A 144 -8.05 -13.23 6.32
CA ARG A 144 -9.38 -12.69 6.04
C ARG A 144 -9.93 -11.95 7.24
N GLY A 145 -10.75 -10.94 6.96
CA GLY A 145 -11.51 -10.26 8.00
C GLY A 145 -12.80 -9.72 7.44
N SER A 146 -13.80 -9.62 8.31
CA SER A 146 -15.11 -9.12 7.91
C SER A 146 -15.26 -7.64 8.24
N LEU A 147 -15.89 -6.90 7.34
CA LEU A 147 -16.21 -5.51 7.65
C LEU A 147 -17.36 -5.47 8.63
N LEU A 148 -17.25 -4.66 9.66
CA LEU A 148 -18.38 -4.56 10.57
C LEU A 148 -19.56 -3.92 9.87
N SER A 149 -19.31 -3.00 8.94
CA SER A 149 -20.36 -2.44 8.10
C SER A 149 -19.97 -2.63 6.65
N PRO A 150 -20.68 -3.47 5.90
CA PRO A 150 -20.32 -3.69 4.49
C PRO A 150 -20.39 -2.42 3.66
N ARG A 151 -19.61 -2.40 2.58
CA ARG A 151 -19.44 -1.24 1.73
C ARG A 151 -19.46 -1.71 0.28
N PRO A 152 -19.99 -0.89 -0.64
CA PRO A 152 -19.83 -1.22 -2.05
C PRO A 152 -18.34 -1.29 -2.38
N ILE A 153 -17.99 -2.12 -3.34
CA ILE A 153 -16.57 -2.31 -3.64
C ILE A 153 -15.93 -1.01 -4.14
N SER A 154 -16.74 -0.11 -4.69
CA SER A 154 -16.28 1.21 -5.13
C SER A 154 -15.51 1.92 -4.02
N TYR A 155 -15.95 1.72 -2.80
CA TYR A 155 -15.38 2.35 -1.61
C TYR A 155 -13.97 1.86 -1.34
N LEU A 156 -13.68 0.61 -1.72
CA LEU A 156 -12.42 -0.01 -1.38
C LEU A 156 -11.43 0.02 -2.53
N LYS A 157 -11.93 0.20 -3.76
CA LYS A 157 -11.09 0.21 -4.95
C LYS A 157 -10.03 1.28 -4.82
N GLY A 158 -8.77 0.89 -5.07
CA GLY A 158 -7.64 1.79 -4.97
C GLY A 158 -6.96 1.81 -3.62
N SER A 159 -7.37 0.95 -2.69
CA SER A 159 -6.79 0.89 -1.37
C SER A 159 -5.94 -0.34 -1.14
N SER A 160 -5.81 -1.22 -2.13
CA SER A 160 -4.86 -2.31 -1.99
C SER A 160 -3.47 -1.75 -1.71
N GLY A 161 -2.70 -2.50 -0.92
CA GLY A 161 -1.45 -2.02 -0.44
C GLY A 161 -1.52 -1.26 0.87
N GLY A 162 -2.72 -0.90 1.33
CA GLY A 162 -2.88 -0.25 2.60
C GLY A 162 -2.88 -1.22 3.76
N PRO A 163 -2.78 -0.68 4.97
CA PRO A 163 -2.64 -1.53 6.15
C PRO A 163 -3.96 -1.94 6.80
N LEU A 164 -3.91 -3.12 7.40
CA LEU A 164 -4.79 -3.47 8.51
C LEU A 164 -3.95 -3.34 9.78
N LEU A 165 -4.50 -2.65 10.75
CA LEU A 165 -3.83 -2.35 12.01
C LEU A 165 -4.60 -2.94 13.19
N CYS A 166 -3.88 -3.20 14.29
CA CYS A 166 -4.51 -3.57 15.55
C CYS A 166 -4.87 -2.32 16.33
N PRO A 167 -5.56 -2.48 17.47
CA PRO A 167 -5.95 -1.30 18.26
C PRO A 167 -4.78 -0.43 18.65
N ALA A 168 -3.62 -1.02 18.82
CA ALA A 168 -2.42 -0.30 19.22
C ALA A 168 -1.65 0.29 18.05
N GLY A 169 -2.13 0.11 16.83
CA GLY A 169 -1.50 0.76 15.69
C GLY A 169 -0.37 -0.03 15.09
N HIS A 170 -0.22 -1.30 15.48
CA HIS A 170 0.70 -2.20 14.83
C HIS A 170 0.15 -2.66 13.48
N ALA A 171 1.06 -2.98 12.56
CA ALA A 171 0.67 -3.58 11.27
C ALA A 171 0.32 -5.05 11.45
N VAL A 172 -0.89 -5.42 11.05
CA VAL A 172 -1.34 -6.81 11.04
C VAL A 172 -1.31 -7.41 9.64
N GLY A 173 -1.51 -6.59 8.61
CA GLY A 173 -1.44 -7.09 7.24
C GLY A 173 -1.55 -5.99 6.21
N ILE A 174 -1.44 -6.40 4.94
CA ILE A 174 -1.54 -5.53 3.78
C ILE A 174 -2.80 -5.91 3.00
N PHE A 175 -3.69 -4.95 2.77
CA PHE A 175 -4.96 -5.19 2.06
C PHE A 175 -4.68 -5.64 0.62
N ARG A 176 -5.26 -6.78 0.26
CA ARG A 176 -4.99 -7.44 -1.02
C ARG A 176 -6.22 -7.52 -1.92
N ALA A 177 -7.37 -7.91 -1.39
CA ALA A 177 -8.53 -8.21 -2.21
C ALA A 177 -9.82 -8.07 -1.40
N ALA A 178 -10.90 -7.76 -2.10
CA ALA A 178 -12.22 -7.59 -1.50
C ALA A 178 -13.09 -8.79 -1.85
N VAL A 179 -13.77 -9.32 -0.84
CA VAL A 179 -14.68 -10.46 -1.02
C VAL A 179 -16.06 -9.84 -1.20
N SER A 180 -16.59 -9.87 -2.41
CA SER A 180 -17.82 -9.16 -2.68
C SER A 180 -18.88 -10.11 -3.22
N THR A 181 -20.12 -9.83 -2.85
CA THR A 181 -21.28 -10.45 -3.43
C THR A 181 -22.19 -9.36 -3.97
N ARG A 182 -22.53 -9.47 -5.25
CA ARG A 182 -23.36 -8.48 -5.92
C ARG A 182 -22.80 -7.07 -5.67
N GLY A 183 -21.47 -6.97 -5.72
CA GLY A 183 -20.79 -5.68 -5.62
C GLY A 183 -20.65 -5.10 -4.22
N VAL A 184 -21.09 -5.81 -3.18
CA VAL A 184 -20.96 -5.34 -1.81
C VAL A 184 -19.86 -6.13 -1.13
N ALA A 185 -18.92 -5.43 -0.51
CA ALA A 185 -17.81 -6.08 0.15
C ALA A 185 -18.21 -6.33 1.60
N LYS A 186 -18.29 -7.61 1.97
CA LYS A 186 -18.54 -7.99 3.35
C LYS A 186 -17.27 -8.43 4.07
N ALA A 187 -16.20 -8.67 3.32
CA ALA A 187 -14.97 -9.17 3.91
C ALA A 187 -13.81 -8.73 3.04
N VAL A 188 -12.62 -8.76 3.62
CA VAL A 188 -11.39 -8.43 2.91
C VAL A 188 -10.35 -9.53 3.12
N ALA A 189 -9.51 -9.70 2.11
CA ALA A 189 -8.35 -10.57 2.18
C ALA A 189 -7.10 -9.72 2.24
N PHE A 190 -6.14 -10.14 3.08
CA PHE A 190 -4.93 -9.38 3.30
C PHE A 190 -3.74 -10.33 3.37
N ILE A 191 -2.57 -9.75 3.12
CA ILE A 191 -1.29 -10.44 3.28
C ILE A 191 -0.91 -10.31 4.74
N PRO A 192 -0.83 -11.39 5.51
CA PRO A 192 -0.50 -11.25 6.93
C PRO A 192 0.91 -10.71 7.11
N VAL A 193 1.10 -9.94 8.17
CA VAL A 193 2.41 -9.33 8.39
C VAL A 193 3.46 -10.40 8.60
N GLU A 194 3.08 -11.56 9.16
CA GLU A 194 4.07 -12.63 9.34
C GLU A 194 4.64 -13.10 8.01
N SER A 195 3.85 -13.07 6.97
CA SER A 195 4.34 -13.43 5.65
C SER A 195 5.38 -12.42 5.15
N LEU A 196 5.17 -11.13 5.44
CA LEU A 196 6.20 -10.13 5.17
C LEU A 196 7.45 -10.40 5.98
N GLU A 197 7.28 -10.75 7.25
CA GLU A 197 8.41 -10.93 8.14
C GLU A 197 9.25 -12.10 7.68
N THR A 198 8.61 -13.16 7.17
CA THR A 198 9.34 -14.28 6.60
C THR A 198 10.09 -13.87 5.34
N THR A 199 9.41 -13.12 4.46
CA THR A 199 10.05 -12.59 3.26
C THR A 199 11.31 -11.80 3.62
N MET A 200 11.28 -11.02 4.69
CA MET A 200 12.45 -10.25 5.08
C MET A 200 13.55 -11.15 5.61
ZN ZN B . -0.72 -5.17 17.92
S SO4 C . -8.85 9.50 -5.55
O1 SO4 C . -9.44 10.83 -5.53
O2 SO4 C . -8.55 9.07 -4.17
O3 SO4 C . -9.77 8.53 -6.16
O4 SO4 C . -7.61 9.53 -6.29
C1 TSV D . -8.41 -4.32 -2.80
F1 TSV D . -6.09 -12.75 -2.74
N1 TSV D . -11.76 -9.96 -5.39
O1 TSV D . -11.27 -11.94 -4.11
S1 TSV D . -6.50 -1.66 -6.71
C2 TSV D . -8.26 -4.36 -4.32
N2 TSV D . -7.75 -5.56 -4.92
O2 TSV D . -10.24 -11.57 -6.08
C3 TSV D . -9.65 -4.34 -3.68
N3 TSV D . -6.98 -3.07 -6.01
O3 TSV D . -10.12 -7.59 -4.82
C4 TSV D . -7.85 -3.00 -4.89
N4 TSV D . -4.72 -10.92 -6.70
O4 TSV D . -5.80 -0.78 -5.77
C5 TSV D . -10.73 -3.26 -3.93
N5 TSV D . -8.95 -8.17 -6.74
O5 TSV D . -4.80 -9.88 -8.76
C6 TSV D . -9.24 -13.31 -4.00
O6 TSV D . -7.66 -0.94 -7.25
C7 TSV D . -11.32 -14.14 -5.18
O7 TSV D . -9.00 -5.45 -6.82
C8 TSV D . -11.34 -13.81 -2.67
O8 TSV D . -6.76 -9.88 -7.47
C9 TSV D . -10.79 -13.27 -4.00
O9 TSV D . -8.17 -1.93 -4.48
C10 TSV D . -11.91 -3.43 -4.54
C11 TSV D . -8.26 -6.09 -6.15
C12 TSV D . -3.51 -11.94 -6.87
C13 TSV D . -12.38 -4.75 -5.17
C14 TSV D . -2.57 -14.19 -3.69
C15 TSV D . -7.78 -7.49 -6.50
C16 TSV D . -2.37 -13.58 -5.06
C17 TSV D . -3.83 -13.93 -2.88
C18 TSV D . -12.64 -4.46 -6.66
C19 TSV D . -13.23 -5.70 -7.35
C20 TSV D . -11.01 -11.21 -5.27
C21 TSV D . -4.92 -13.01 -3.45
C22 TSV D . -12.14 -6.80 -7.43
C23 TSV D . -5.41 -2.10 -8.08
C24 TSV D . -3.45 -12.65 -5.63
C25 TSV D . -12.50 -7.93 -6.41
C26 TSV D . -4.68 -12.39 -4.84
C27 TSV D . -6.93 -7.62 -7.88
C28 TSV D . -11.37 -8.95 -6.33
C29 TSV D . -3.94 -2.03 -7.75
C30 TSV D . -7.29 -8.84 -8.33
C31 TSV D . -5.55 -11.44 -5.69
C32 TSV D . -4.60 -0.92 -8.59
C33 TSV D . -10.13 -8.19 -5.86
C34 TSV D . -8.84 -8.91 -8.13
C35 TSV D . -5.38 -10.19 -7.76
H1 TSV D . -8.21 -3.48 -2.38
H1A TSV D . -8.22 -5.15 -2.34
HN1 TSV D . -12.45 -9.82 -4.88
HN2 TSV D . -7.29 -6.09 -4.43
H3 TSV D . -10.04 -5.23 -3.69
HN3 TSV D . -6.74 -3.84 -6.33
H5 TSV D . -10.56 -2.40 -3.59
H6 TSV D . -8.91 -12.98 -3.15
H6A TSV D . -8.89 -12.76 -4.72
H6B TSV D . -8.94 -14.23 -4.12
H7 TSV D . -11.00 -13.78 -6.02
H7A TSV D . -12.29 -14.12 -5.18
H7B TSV D . -11.01 -15.05 -5.09
H8 TSV D . -11.24 -14.78 -2.64
H8A TSV D . -10.85 -13.41 -1.93
H8B TSV D . -12.28 -13.59 -2.59
H10 TSV D . -12.47 -2.70 -4.62
H12 TSV D . -2.68 -11.45 -7.00
H13 TSV D . -13.20 -5.06 -4.74
H13A TSV D . -11.69 -5.43 -5.08
H14 TSV D . -1.93 -14.76 -3.34
H15 TSV D . -7.30 -7.89 -5.76
H16 TSV D . -1.59 -13.75 -5.54
H17 TSV D . -3.95 -14.32 -2.04
H18 TSV D . -11.80 -4.21 -7.09
H18A TSV D . -13.26 -3.72 -6.74
H19 TSV D . -13.99 -6.02 -6.85
H19A TSV D . -13.51 -5.46 -8.25
H22 TSV D . -12.12 -7.17 -8.33
H22A TSV D . -11.28 -6.42 -7.22
H23 TSV D . -5.68 -2.77 -8.74
H25 TSV D . -13.32 -8.37 -6.68
H25A TSV D . -12.63 -7.54 -5.53
H27 TSV D . -5.97 -7.59 -7.69
H27A TSV D . -7.18 -6.92 -8.51
H28 TSV D . -11.22 -9.35 -7.20
H29 TSV D . -3.37 -2.63 -8.25
H29A TSV D . -3.73 -1.78 -6.84
H30 TSV D . -7.04 -8.97 -9.26
H31 TSV D . -6.28 -11.94 -6.09
H32 TSV D . -4.40 -0.93 -9.53
H32A TSV D . -4.76 -0.08 -8.13
H34 TSV D . -9.15 -9.83 -8.06
H34A TSV D . -9.32 -8.43 -8.82
#